data_9I75
#
_entry.id   9I75
#
_cell.length_a   82.396
_cell.length_b   112.435
_cell.length_c   62.592
_cell.angle_alpha   90.00
_cell.angle_beta   90.00
_cell.angle_gamma   90.00
#
_symmetry.space_group_name_H-M   'C 2 2 21'
#
loop_
_entity.id
_entity.type
_entity.pdbx_description
1 polymer '14-3-3 protein sigma'
2 polymer 'Estrogen receptor'
3 non-polymer 'MAGNESIUM ION'
4 non-polymer 2-chloranyl-~{N}-[4-[3-[(2,6-dimethyl-4-oxidanyl-phenyl)amino]imidazo[1,2-a]pyridin-2-yl]phenyl]ethanamide
5 non-polymer 'CHLORIDE ION'
6 non-polymer 'CALCIUM ION'
7 water water
#
loop_
_entity_poly.entity_id
_entity_poly.type
_entity_poly.pdbx_seq_one_letter_code
_entity_poly.pdbx_strand_id
1 'polypeptide(L)'
;GAMGSMERASLIQKAKLAEQAERYEDMAAFMKGAVEKGEELSCEERNLLSVAYKNVVGGQRAAWRVLSSIEQKSNEEGSE
EKGPEVREYREKVETELQGVCDTVLGLLDSHLIKEAGDAESRVFYLKMKGDYYRYLAEVATGDDKKRIIDSARSAYQEAM
DISKKEMPPTNPIRLGLALNFSVFHYEIANSPEEAISLAKTTFDEAMADLHTLSEDSYKDSTLIMQLLRDNLTLWT
;
A
2 'polypeptide(L)' FPA(TPO)V B
#
loop_
_chem_comp.id
_chem_comp.type
_chem_comp.name
_chem_comp.formula
A1I02 non-polymer 2-chloranyl-~{N}-[4-[3-[(2,6-dimethyl-4-oxidanyl-phenyl)amino]imidazo[1,2-a]pyridin-2-yl]phenyl]ethanamide 'C23 H21 Cl N4 O2'
CA non-polymer 'CALCIUM ION' 'Ca 2'
CL non-polymer 'CHLORIDE ION' 'Cl -1'
MG non-polymer 'MAGNESIUM ION' 'Mg 2'
#
# COMPACT_ATOMS: atom_id res chain seq x y z
N GLY A 1 -13.05 9.05 19.91
CA GLY A 1 -12.32 7.83 19.61
C GLY A 1 -11.94 7.10 20.89
N ALA A 2 -11.94 5.76 20.81
CA ALA A 2 -11.69 4.92 21.98
C ALA A 2 -10.28 5.10 22.53
N MET A 3 -9.35 5.56 21.68
CA MET A 3 -7.98 5.80 22.11
C MET A 3 -7.73 7.24 22.59
N GLY A 4 -8.79 8.05 22.64
CA GLY A 4 -8.65 9.45 22.98
C GLY A 4 -8.08 9.72 24.36
N SER A 5 -8.29 8.78 25.30
CA SER A 5 -7.80 8.94 26.65
C SER A 5 -6.40 8.38 26.89
N MET A 6 -5.80 7.73 25.89
CA MET A 6 -4.48 7.14 26.07
C MET A 6 -3.39 8.08 25.53
N GLU A 7 -2.30 8.19 26.30
CA GLU A 7 -1.16 9.00 25.87
C GLU A 7 -0.63 8.57 24.51
N ARG A 8 -0.19 9.54 23.72
CA ARG A 8 0.46 9.26 22.46
C ARG A 8 1.59 8.24 22.61
N ALA A 9 2.47 8.45 23.59
CA ALA A 9 3.63 7.58 23.72
C ALA A 9 3.20 6.16 24.08
N SER A 10 2.14 6.03 24.91
CA SER A 10 1.60 4.74 25.28
C SER A 10 0.98 4.01 24.08
N LEU A 11 0.32 4.76 23.20
CA LEU A 11 -0.23 4.16 21.99
C LEU A 11 0.89 3.61 21.10
N ILE A 12 1.97 4.37 20.94
CA ILE A 12 3.13 3.92 20.17
CA ILE A 12 3.10 3.89 20.15
C ILE A 12 3.76 2.67 20.80
N GLN A 13 3.95 2.72 22.13
CA GLN A 13 4.50 1.58 22.85
C GLN A 13 3.67 0.33 22.62
N LYS A 14 2.34 0.48 22.74
CA LYS A 14 1.44 -0.65 22.57
C LYS A 14 1.36 -1.12 21.13
N ALA A 15 1.49 -0.21 20.16
CA ALA A 15 1.58 -0.64 18.76
C ALA A 15 2.76 -1.58 18.54
N LYS A 16 3.89 -1.26 19.19
CA LYS A 16 5.07 -2.09 19.06
C LYS A 16 4.89 -3.46 19.72
N LEU A 17 4.21 -3.49 20.87
CA LEU A 17 3.86 -4.74 21.54
C LEU A 17 2.92 -5.59 20.68
N ALA A 18 1.90 -4.91 20.10
CA ALA A 18 0.95 -5.60 19.26
C ALA A 18 1.63 -6.23 18.04
N GLU A 19 2.59 -5.51 17.45
CA GLU A 19 3.38 -6.06 16.36
C GLU A 19 4.10 -7.34 16.79
N GLN A 20 4.77 -7.29 17.95
CA GLN A 20 5.47 -8.46 18.46
C GLN A 20 4.54 -9.66 18.66
N ALA A 21 3.30 -9.37 19.07
CA ALA A 21 2.29 -10.39 19.31
C ALA A 21 1.48 -10.77 18.07
N GLU A 22 1.81 -10.17 16.92
CA GLU A 22 1.12 -10.38 15.66
C GLU A 22 -0.38 -10.07 15.77
N ARG A 23 -0.68 -9.02 16.54
CA ARG A 23 -2.02 -8.53 16.76
C ARG A 23 -2.22 -7.27 15.93
N TYR A 24 -2.37 -7.45 14.62
CA TYR A 24 -2.30 -6.32 13.70
C TYR A 24 -3.53 -5.42 13.74
N GLU A 25 -4.71 -5.96 14.05
CA GLU A 25 -5.89 -5.13 14.22
CA GLU A 25 -5.88 -5.12 14.22
C GLU A 25 -5.68 -4.19 15.40
N ASP A 26 -5.16 -4.72 16.52
CA ASP A 26 -4.85 -3.86 17.65
C ASP A 26 -3.80 -2.82 17.29
N MET A 27 -2.76 -3.25 16.57
CA MET A 27 -1.67 -2.38 16.20
C MET A 27 -2.23 -1.19 15.40
N ALA A 28 -3.15 -1.50 14.46
CA ALA A 28 -3.71 -0.47 13.62
C ALA A 28 -4.57 0.51 14.43
N ALA A 29 -5.35 -0.02 15.37
CA ALA A 29 -6.17 0.82 16.23
C ALA A 29 -5.31 1.74 17.08
N PHE A 30 -4.20 1.22 17.62
CA PHE A 30 -3.30 2.04 18.40
C PHE A 30 -2.71 3.15 17.53
N MET A 31 -2.27 2.80 16.31
CA MET A 31 -1.65 3.79 15.45
C MET A 31 -2.64 4.83 14.95
N LYS A 32 -3.90 4.43 14.70
CA LYS A 32 -4.95 5.39 14.39
C LYS A 32 -5.11 6.38 15.53
N GLY A 33 -5.14 5.87 16.76
CA GLY A 33 -5.21 6.75 17.91
C GLY A 33 -4.03 7.72 17.97
N ALA A 34 -2.83 7.22 17.67
CA ALA A 34 -1.66 8.06 17.67
C ALA A 34 -1.74 9.16 16.61
N VAL A 35 -2.18 8.82 15.40
CA VAL A 35 -2.34 9.81 14.35
C VAL A 35 -3.34 10.89 14.80
N GLU A 36 -4.43 10.46 15.42
CA GLU A 36 -5.50 11.39 15.79
C GLU A 36 -5.10 12.33 16.94
N LYS A 37 -3.94 12.12 17.57
CA LYS A 37 -3.41 13.12 18.48
C LYS A 37 -3.07 14.44 17.78
N GLY A 38 -2.85 14.39 16.47
CA GLY A 38 -2.68 15.60 15.67
C GLY A 38 -1.24 16.01 15.39
N GLU A 39 -0.27 15.35 16.01
CA GLU A 39 1.13 15.64 15.77
C GLU A 39 1.60 14.84 14.56
N GLU A 40 2.60 15.37 13.86
CA GLU A 40 3.25 14.64 12.79
C GLU A 40 3.88 13.35 13.33
N LEU A 41 4.11 12.40 12.41
CA LEU A 41 4.71 11.11 12.74
C LEU A 41 6.17 11.11 12.31
N SER A 42 7.01 10.51 13.16
CA SER A 42 8.38 10.24 12.82
C SER A 42 8.47 9.13 11.78
N CYS A 43 9.67 8.91 11.24
CA CYS A 43 9.88 7.82 10.31
C CYS A 43 9.43 6.48 10.90
N GLU A 44 9.88 6.19 12.14
CA GLU A 44 9.55 4.93 12.76
C GLU A 44 8.04 4.81 12.93
N GLU A 45 7.40 5.90 13.35
CA GLU A 45 5.96 5.89 13.58
C GLU A 45 5.18 5.69 12.27
N ARG A 46 5.62 6.33 11.18
CA ARG A 46 5.00 6.15 9.89
C ARG A 46 5.04 4.68 9.47
N ASN A 47 6.17 4.02 9.74
CA ASN A 47 6.32 2.62 9.38
C ASN A 47 5.45 1.72 10.27
N LEU A 48 5.24 2.08 11.54
CA LEU A 48 4.31 1.34 12.38
C LEU A 48 2.89 1.42 11.81
N LEU A 49 2.48 2.63 11.41
CA LEU A 49 1.17 2.84 10.82
C LEU A 49 1.00 1.97 9.58
N SER A 50 1.98 2.01 8.68
CA SER A 50 1.89 1.28 7.43
CA SER A 50 1.91 1.27 7.43
C SER A 50 1.88 -0.23 7.65
N VAL A 51 2.77 -0.74 8.52
CA VAL A 51 2.82 -2.17 8.78
C VAL A 51 1.46 -2.67 9.29
N ALA A 52 0.87 -1.91 10.23
CA ALA A 52 -0.36 -2.35 10.84
C ALA A 52 -1.46 -2.52 9.81
N TYR A 53 -1.73 -1.45 9.04
CA TYR A 53 -2.81 -1.49 8.07
C TYR A 53 -2.50 -2.41 6.89
N LYS A 54 -1.22 -2.53 6.50
CA LYS A 54 -0.86 -3.43 5.42
C LYS A 54 -1.24 -4.88 5.76
N ASN A 55 -0.98 -5.25 7.01
CA ASN A 55 -1.29 -6.59 7.47
C ASN A 55 -2.79 -6.82 7.56
N VAL A 56 -3.52 -5.84 8.10
CA VAL A 56 -4.96 -5.96 8.21
C VAL A 56 -5.59 -6.10 6.81
N VAL A 57 -5.30 -5.16 5.91
CA VAL A 57 -5.93 -5.17 4.60
CA VAL A 57 -5.94 -5.18 4.61
C VAL A 57 -5.42 -6.35 3.77
N GLY A 58 -4.17 -6.75 4.02
CA GLY A 58 -3.61 -7.91 3.32
C GLY A 58 -4.42 -9.17 3.59
N GLY A 59 -4.79 -9.37 4.86
CA GLY A 59 -5.63 -10.49 5.22
C GLY A 59 -7.01 -10.42 4.59
N GLN A 60 -7.59 -9.20 4.56
CA GLN A 60 -8.89 -9.02 3.94
C GLN A 60 -8.85 -9.29 2.44
N ARG A 61 -7.79 -8.82 1.78
CA ARG A 61 -7.63 -9.04 0.34
C ARG A 61 -7.51 -10.52 0.04
N ALA A 62 -6.72 -11.24 0.83
CA ALA A 62 -6.57 -12.67 0.63
C ALA A 62 -7.91 -13.38 0.78
N ALA A 63 -8.71 -12.99 1.79
CA ALA A 63 -10.00 -13.61 2.01
C ALA A 63 -10.96 -13.28 0.89
N TRP A 64 -10.95 -12.01 0.44
CA TRP A 64 -11.80 -11.58 -0.64
C TRP A 64 -11.52 -12.39 -1.91
N ARG A 65 -10.23 -12.64 -2.19
CA ARG A 65 -9.87 -13.39 -3.38
C ARG A 65 -10.38 -14.83 -3.32
N VAL A 66 -10.27 -15.46 -2.14
CA VAL A 66 -10.81 -16.81 -1.97
C VAL A 66 -12.31 -16.82 -2.29
N LEU A 67 -13.03 -15.87 -1.68
CA LEU A 67 -14.48 -15.85 -1.82
C LEU A 67 -14.90 -15.48 -3.24
N SER A 68 -14.20 -14.53 -3.87
CA SER A 68 -14.49 -14.15 -5.25
CA SER A 68 -14.49 -14.16 -5.24
C SER A 68 -14.30 -15.33 -6.21
N SER A 69 -13.26 -16.14 -5.97
CA SER A 69 -13.03 -17.32 -6.80
C SER A 69 -14.17 -18.32 -6.67
N ILE A 70 -14.64 -18.56 -5.43
CA ILE A 70 -15.76 -19.46 -5.21
C ILE A 70 -17.00 -18.92 -5.91
N GLU A 71 -17.21 -17.60 -5.82
CA GLU A 71 -18.37 -16.97 -6.43
C GLU A 71 -18.32 -17.10 -7.96
N GLN A 72 -17.14 -16.87 -8.54
CA GLN A 72 -16.97 -17.00 -9.99
C GLN A 72 -17.29 -18.41 -10.45
N LYS A 73 -16.80 -19.41 -9.71
CA LYS A 73 -17.06 -20.81 -10.04
C LYS A 73 -18.55 -21.13 -9.96
N SER A 74 -19.26 -20.49 -9.00
CA SER A 74 -20.69 -20.72 -8.84
C SER A 74 -21.51 -20.22 -10.03
N ASN A 75 -20.96 -19.27 -10.80
CA ASN A 75 -21.65 -18.71 -11.95
C ASN A 75 -21.19 -19.29 -13.29
N GLU A 76 -20.46 -20.41 -13.24
CA GLU A 76 -20.11 -21.17 -14.43
C GLU A 76 -21.27 -22.09 -14.82
N GLU A 77 -21.30 -22.49 -16.09
CA GLU A 77 -22.30 -23.42 -16.59
C GLU A 77 -22.15 -24.76 -15.90
N GLY A 78 -23.27 -25.34 -15.48
CA GLY A 78 -23.29 -26.64 -14.83
C GLY A 78 -23.15 -26.59 -13.32
N SER A 79 -22.83 -25.41 -12.78
CA SER A 79 -22.74 -25.22 -11.33
C SER A 79 -24.13 -25.22 -10.72
N GLU A 80 -24.29 -25.94 -9.61
CA GLU A 80 -25.58 -26.05 -8.94
C GLU A 80 -25.84 -24.77 -8.17
N GLU A 81 -27.10 -24.32 -8.17
CA GLU A 81 -27.52 -23.13 -7.47
C GLU A 81 -27.44 -23.36 -5.96
N LYS A 82 -26.70 -22.50 -5.26
CA LYS A 82 -26.50 -22.66 -3.82
C LYS A 82 -27.10 -21.52 -3.00
N GLY A 83 -27.77 -20.58 -3.69
CA GLY A 83 -28.39 -19.45 -3.02
C GLY A 83 -27.50 -18.23 -2.90
N PRO A 84 -27.93 -17.22 -2.11
CA PRO A 84 -27.25 -15.93 -2.05
C PRO A 84 -26.04 -15.87 -1.12
N GLU A 85 -25.73 -16.98 -0.43
CA GLU A 85 -24.78 -16.91 0.67
C GLU A 85 -23.34 -16.57 0.27
N VAL A 86 -22.86 -17.10 -0.86
CA VAL A 86 -21.50 -16.80 -1.28
C VAL A 86 -21.38 -15.31 -1.60
N ARG A 87 -22.32 -14.77 -2.37
CA ARG A 87 -22.31 -13.35 -2.68
C ARG A 87 -22.40 -12.52 -1.40
N GLU A 88 -23.32 -12.89 -0.50
CA GLU A 88 -23.49 -12.14 0.73
C GLU A 88 -22.18 -12.07 1.52
N TYR A 89 -21.51 -13.21 1.66
CA TYR A 89 -20.33 -13.25 2.50
C TYR A 89 -19.16 -12.53 1.83
N ARG A 90 -19.03 -12.69 0.51
CA ARG A 90 -18.04 -11.92 -0.23
C ARG A 90 -18.30 -10.42 -0.06
N GLU A 91 -19.57 -10.01 -0.14
CA GLU A 91 -19.94 -8.63 0.09
C GLU A 91 -19.59 -8.14 1.50
N LYS A 92 -19.78 -9.01 2.50
CA LYS A 92 -19.44 -8.67 3.88
C LYS A 92 -17.95 -8.37 4.02
N VAL A 93 -17.12 -9.27 3.48
CA VAL A 93 -15.68 -9.09 3.56
C VAL A 93 -15.27 -7.85 2.76
N GLU A 94 -15.87 -7.68 1.58
CA GLU A 94 -15.59 -6.52 0.74
C GLU A 94 -15.90 -5.21 1.46
N THR A 95 -17.05 -5.15 2.14
CA THR A 95 -17.45 -3.94 2.84
C THR A 95 -16.46 -3.63 3.98
N GLU A 96 -16.02 -4.67 4.70
CA GLU A 96 -15.03 -4.50 5.75
CA GLU A 96 -15.04 -4.45 5.76
C GLU A 96 -13.70 -3.97 5.19
N LEU A 97 -13.28 -4.54 4.07
CA LEU A 97 -12.07 -4.11 3.38
C LEU A 97 -12.16 -2.64 2.96
N GLN A 98 -13.27 -2.28 2.33
CA GLN A 98 -13.49 -0.90 1.91
C GLN A 98 -13.47 0.03 3.13
N GLY A 99 -14.03 -0.43 4.25
CA GLY A 99 -14.02 0.37 5.46
C GLY A 99 -12.60 0.66 5.97
N VAL A 100 -11.74 -0.36 5.93
CA VAL A 100 -10.35 -0.17 6.35
C VAL A 100 -9.65 0.80 5.41
N CYS A 101 -9.84 0.63 4.10
CA CYS A 101 -9.26 1.55 3.14
C CYS A 101 -9.71 2.99 3.39
N ASP A 102 -11.03 3.15 3.61
CA ASP A 102 -11.57 4.48 3.87
C ASP A 102 -10.99 5.07 5.15
N THR A 103 -10.76 4.23 6.17
CA THR A 103 -10.14 4.69 7.40
C THR A 103 -8.72 5.22 7.14
N VAL A 104 -7.93 4.46 6.39
CA VAL A 104 -6.57 4.87 6.11
C VAL A 104 -6.57 6.16 5.28
N LEU A 105 -7.38 6.18 4.22
CA LEU A 105 -7.45 7.36 3.38
C LEU A 105 -7.91 8.57 4.19
N GLY A 106 -8.82 8.34 5.15
CA GLY A 106 -9.25 9.41 6.05
C GLY A 106 -8.14 10.01 6.91
N LEU A 107 -7.27 9.14 7.44
CA LEU A 107 -6.14 9.61 8.21
C LEU A 107 -5.18 10.40 7.35
N LEU A 108 -4.96 9.94 6.12
CA LEU A 108 -4.07 10.64 5.21
C LEU A 108 -4.63 12.03 4.87
N ASP A 109 -5.94 12.11 4.69
CA ASP A 109 -6.58 13.36 4.32
C ASP A 109 -6.81 14.29 5.51
N SER A 110 -6.81 13.74 6.73
CA SER A 110 -7.11 14.49 7.94
C SER A 110 -6.15 14.10 9.07
N HIS A 111 -4.89 14.60 9.05
CA HIS A 111 -4.36 15.61 8.15
C HIS A 111 -2.91 15.31 7.81
N LEU A 112 -2.57 14.02 7.64
CA LEU A 112 -1.17 13.65 7.50
C LEU A 112 -0.51 14.23 6.26
N ILE A 113 -1.15 14.14 5.10
CA ILE A 113 -0.53 14.60 3.87
C ILE A 113 -0.31 16.11 3.91
N LYS A 114 -1.33 16.88 4.32
CA LYS A 114 -1.20 18.32 4.24
C LYS A 114 -0.10 18.89 5.14
N GLU A 115 0.27 18.17 6.22
CA GLU A 115 1.32 18.66 7.10
CA GLU A 115 1.31 18.61 7.15
C GLU A 115 2.69 18.07 6.76
N ALA A 116 2.74 17.14 5.79
CA ALA A 116 3.98 16.50 5.38
C ALA A 116 4.71 17.32 4.32
N GLY A 117 5.83 17.93 4.73
CA GLY A 117 6.60 18.80 3.86
C GLY A 117 7.93 18.23 3.39
N ASP A 118 8.51 17.32 4.17
CA ASP A 118 9.76 16.70 3.78
C ASP A 118 9.45 15.62 2.75
N ALA A 119 10.38 15.41 1.82
CA ALA A 119 10.16 14.44 0.77
C ALA A 119 9.87 13.05 1.32
N GLU A 120 10.62 12.62 2.35
CA GLU A 120 10.50 11.28 2.90
CA GLU A 120 10.48 11.26 2.82
C GLU A 120 9.09 11.02 3.43
N SER A 121 8.53 12.01 4.12
CA SER A 121 7.20 11.85 4.66
C SER A 121 6.12 11.98 3.58
N ARG A 122 6.24 13.01 2.75
CA ARG A 122 5.21 13.26 1.76
C ARG A 122 5.10 12.12 0.75
N VAL A 123 6.24 11.65 0.25
CA VAL A 123 6.24 10.52 -0.67
C VAL A 123 5.64 9.28 -0.02
N PHE A 124 6.03 9.02 1.23
CA PHE A 124 5.52 7.87 1.97
C PHE A 124 3.99 7.90 2.05
N TYR A 125 3.44 9.06 2.41
CA TYR A 125 2.00 9.16 2.56
C TYR A 125 1.25 9.11 1.22
N LEU A 126 1.82 9.73 0.18
CA LEU A 126 1.20 9.68 -1.12
C LEU A 126 1.24 8.27 -1.71
N LYS A 127 2.33 7.53 -1.46
CA LYS A 127 2.38 6.11 -1.82
C LYS A 127 1.26 5.34 -1.12
N MET A 128 1.07 5.61 0.17
CA MET A 128 -0.01 4.97 0.92
CA MET A 128 -0.01 4.96 0.91
C MET A 128 -1.36 5.29 0.29
N LYS A 129 -1.58 6.55 -0.07
CA LYS A 129 -2.83 6.94 -0.70
C LYS A 129 -3.04 6.16 -1.99
N GLY A 130 -2.01 6.06 -2.83
CA GLY A 130 -2.10 5.25 -4.04
C GLY A 130 -2.44 3.79 -3.76
N ASP A 131 -1.72 3.21 -2.78
CA ASP A 131 -1.93 1.83 -2.39
C ASP A 131 -3.38 1.56 -1.97
N TYR A 132 -3.95 2.41 -1.11
CA TYR A 132 -5.28 2.12 -0.58
C TYR A 132 -6.36 2.40 -1.62
N TYR A 133 -6.15 3.36 -2.52
CA TYR A 133 -7.05 3.47 -3.66
C TYR A 133 -6.91 2.27 -4.60
N ARG A 134 -5.69 1.74 -4.73
CA ARG A 134 -5.49 0.52 -5.52
C ARG A 134 -6.28 -0.64 -4.93
N TYR A 135 -6.27 -0.78 -3.60
CA TYR A 135 -7.04 -1.85 -2.98
C TYR A 135 -8.54 -1.66 -3.18
N LEU A 136 -9.01 -0.41 -3.12
CA LEU A 136 -10.40 -0.13 -3.48
C LEU A 136 -10.68 -0.50 -4.94
N ALA A 137 -9.73 -0.23 -5.82
CA ALA A 137 -9.91 -0.54 -7.23
C ALA A 137 -10.01 -2.03 -7.49
N GLU A 138 -9.28 -2.83 -6.70
CA GLU A 138 -9.29 -4.28 -6.88
C GLU A 138 -10.70 -4.86 -6.75
N VAL A 139 -11.54 -4.23 -5.92
CA VAL A 139 -12.86 -4.77 -5.65
C VAL A 139 -13.98 -3.96 -6.30
N ALA A 140 -13.63 -2.88 -7.00
CA ALA A 140 -14.60 -1.99 -7.60
C ALA A 140 -15.15 -2.57 -8.90
N THR A 141 -16.48 -2.45 -9.08
CA THR A 141 -17.15 -2.93 -10.27
C THR A 141 -18.22 -1.98 -10.79
N GLY A 142 -18.30 -0.77 -10.21
CA GLY A 142 -19.42 0.13 -10.46
C GLY A 142 -19.05 1.43 -11.20
N ASP A 143 -19.96 2.41 -11.10
CA ASP A 143 -19.87 3.67 -11.82
C ASP A 143 -18.63 4.50 -11.45
N ASP A 144 -18.10 4.27 -10.25
CA ASP A 144 -16.98 5.05 -9.73
C ASP A 144 -15.61 4.38 -9.91
N LYS A 145 -15.58 3.20 -10.56
CA LYS A 145 -14.36 2.44 -10.71
C LYS A 145 -13.27 3.25 -11.42
N LYS A 146 -13.64 3.94 -12.51
CA LYS A 146 -12.69 4.77 -13.22
C LYS A 146 -12.13 5.87 -12.32
N ARG A 147 -12.99 6.49 -11.51
CA ARG A 147 -12.55 7.56 -10.64
C ARG A 147 -11.63 7.01 -9.55
N ILE A 148 -11.92 5.80 -9.04
CA ILE A 148 -11.06 5.19 -8.03
C ILE A 148 -9.66 4.93 -8.60
N ILE A 149 -9.63 4.35 -9.81
CA ILE A 149 -8.38 4.09 -10.48
C ILE A 149 -7.61 5.39 -10.68
N ASP A 150 -8.31 6.45 -11.11
CA ASP A 150 -7.63 7.71 -11.36
C ASP A 150 -7.11 8.33 -10.07
N SER A 151 -7.82 8.13 -8.95
CA SER A 151 -7.34 8.59 -7.66
C SER A 151 -6.03 7.90 -7.25
N ALA A 152 -5.96 6.59 -7.48
CA ALA A 152 -4.72 5.88 -7.22
C ALA A 152 -3.59 6.41 -8.10
N ARG A 153 -3.86 6.51 -9.39
CA ARG A 153 -2.89 7.00 -10.35
CA ARG A 153 -2.88 6.99 -10.34
C ARG A 153 -2.35 8.37 -9.95
N SER A 154 -3.27 9.29 -9.62
CA SER A 154 -2.88 10.66 -9.28
C SER A 154 -1.98 10.72 -8.06
N ALA A 155 -2.29 9.94 -7.03
CA ALA A 155 -1.49 9.91 -5.82
C ALA A 155 -0.09 9.35 -6.10
N TYR A 156 -0.04 8.21 -6.80
CA TYR A 156 1.22 7.62 -7.18
C TYR A 156 2.06 8.60 -8.03
N GLN A 157 1.42 9.31 -8.95
CA GLN A 157 2.15 10.18 -9.85
C GLN A 157 2.76 11.36 -9.09
N GLU A 158 2.00 11.96 -8.16
CA GLU A 158 2.54 13.04 -7.35
C GLU A 158 3.73 12.54 -6.52
N ALA A 159 3.60 11.35 -5.94
CA ALA A 159 4.70 10.75 -5.18
C ALA A 159 5.92 10.52 -6.08
N MET A 160 5.70 10.03 -7.30
CA MET A 160 6.79 9.77 -8.23
CA MET A 160 6.79 9.77 -8.23
C MET A 160 7.51 11.07 -8.57
N ASP A 161 6.74 12.13 -8.83
CA ASP A 161 7.34 13.39 -9.23
C ASP A 161 8.25 13.92 -8.13
N ILE A 162 7.77 13.89 -6.88
CA ILE A 162 8.56 14.34 -5.75
C ILE A 162 9.79 13.46 -5.57
N SER A 163 9.60 12.13 -5.64
CA SER A 163 10.69 11.20 -5.39
C SER A 163 11.83 11.39 -6.39
N LYS A 164 11.49 11.65 -7.65
CA LYS A 164 12.50 11.80 -8.68
C LYS A 164 13.29 13.09 -8.48
N LYS A 165 12.62 14.14 -8.00
CA LYS A 165 13.28 15.41 -7.78
C LYS A 165 14.14 15.43 -6.51
N GLU A 166 13.66 14.77 -5.46
CA GLU A 166 14.19 14.99 -4.12
C GLU A 166 14.94 13.84 -3.46
N MET A 167 14.91 12.64 -4.07
CA MET A 167 15.48 11.45 -3.48
CA MET A 167 15.51 11.47 -3.46
C MET A 167 16.44 10.78 -4.45
N PRO A 168 17.52 10.12 -3.96
CA PRO A 168 18.39 9.36 -4.84
C PRO A 168 17.68 8.14 -5.38
N PRO A 169 18.12 7.60 -6.54
CA PRO A 169 17.43 6.47 -7.15
C PRO A 169 17.46 5.19 -6.33
N THR A 170 18.35 5.12 -5.32
CA THR A 170 18.42 3.97 -4.42
C THR A 170 17.58 4.11 -3.16
N ASN A 171 16.96 5.28 -2.95
CA ASN A 171 16.21 5.50 -1.72
C ASN A 171 15.11 4.43 -1.60
N PRO A 172 15.03 3.67 -0.48
CA PRO A 172 14.04 2.61 -0.36
C PRO A 172 12.59 3.04 -0.54
N ILE A 173 12.24 4.26 -0.09
CA ILE A 173 10.87 4.74 -0.29
C ILE A 173 10.60 4.93 -1.78
N ARG A 174 11.55 5.58 -2.46
CA ARG A 174 11.42 5.75 -3.90
C ARG A 174 11.29 4.41 -4.62
N LEU A 175 12.13 3.44 -4.24
CA LEU A 175 12.11 2.14 -4.88
C LEU A 175 10.77 1.41 -4.66
N GLY A 176 10.29 1.44 -3.41
CA GLY A 176 9.03 0.78 -3.07
C GLY A 176 7.83 1.43 -3.76
N LEU A 177 7.86 2.75 -3.86
CA LEU A 177 6.85 3.47 -4.61
C LEU A 177 6.81 3.01 -6.06
N ALA A 178 7.98 2.94 -6.70
CA ALA A 178 8.05 2.54 -8.09
C ALA A 178 7.58 1.09 -8.26
N LEU A 179 8.00 0.21 -7.36
CA LEU A 179 7.54 -1.17 -7.37
C LEU A 179 6.01 -1.23 -7.39
N ASN A 180 5.38 -0.50 -6.47
CA ASN A 180 3.93 -0.58 -6.33
C ASN A 180 3.19 0.11 -7.48
N PHE A 181 3.72 1.24 -7.95
CA PHE A 181 3.10 1.92 -9.09
C PHE A 181 3.21 1.05 -10.34
N SER A 182 4.32 0.34 -10.49
CA SER A 182 4.48 -0.62 -11.57
C SER A 182 3.41 -1.71 -11.49
N VAL A 183 3.17 -2.25 -10.29
CA VAL A 183 2.09 -3.22 -10.12
C VAL A 183 0.72 -2.61 -10.43
N PHE A 184 0.47 -1.37 -10.00
CA PHE A 184 -0.73 -0.66 -10.39
C PHE A 184 -0.92 -0.69 -11.91
N HIS A 185 0.14 -0.35 -12.66
CA HIS A 185 0.05 -0.35 -14.11
C HIS A 185 -0.34 -1.71 -14.66
N TYR A 186 0.30 -2.76 -14.13
CA TYR A 186 0.12 -4.12 -14.63
C TYR A 186 -1.26 -4.69 -14.29
N GLU A 187 -1.65 -4.55 -13.02
CA GLU A 187 -2.80 -5.26 -12.48
C GLU A 187 -4.11 -4.46 -12.50
N ILE A 188 -4.00 -3.13 -12.45
CA ILE A 188 -5.15 -2.25 -12.35
C ILE A 188 -5.43 -1.47 -13.64
N ALA A 189 -4.38 -0.86 -14.22
CA ALA A 189 -4.55 0.04 -15.35
C ALA A 189 -4.44 -0.63 -16.72
N ASN A 190 -4.28 -1.96 -16.74
CA ASN A 190 -4.18 -2.70 -17.99
C ASN A 190 -3.08 -2.15 -18.88
N SER A 191 -1.92 -1.86 -18.24
CA SER A 191 -0.81 -1.22 -18.90
C SER A 191 0.47 -2.00 -18.61
N PRO A 192 0.57 -3.27 -19.08
CA PRO A 192 1.73 -4.08 -18.76
C PRO A 192 3.05 -3.51 -19.28
N GLU A 193 3.02 -2.89 -20.47
CA GLU A 193 4.24 -2.29 -20.99
C GLU A 193 4.76 -1.15 -20.09
N GLU A 194 3.86 -0.32 -19.59
CA GLU A 194 4.25 0.74 -18.67
C GLU A 194 4.82 0.15 -17.38
N ALA A 195 4.18 -0.92 -16.89
CA ALA A 195 4.64 -1.60 -15.69
C ALA A 195 6.07 -2.12 -15.84
N ILE A 196 6.33 -2.76 -16.97
CA ILE A 196 7.64 -3.33 -17.25
C ILE A 196 8.68 -2.22 -17.42
N SER A 197 8.36 -1.19 -18.20
CA SER A 197 9.28 -0.08 -18.41
CA SER A 197 9.28 -0.09 -18.41
C SER A 197 9.66 0.57 -17.09
N LEU A 198 8.66 0.83 -16.24
CA LEU A 198 8.93 1.47 -14.96
C LEU A 198 9.82 0.59 -14.09
N ALA A 199 9.51 -0.70 -13.99
CA ALA A 199 10.33 -1.57 -13.17
C ALA A 199 11.77 -1.64 -13.66
N LYS A 200 11.94 -1.74 -14.98
CA LYS A 200 13.28 -1.84 -15.55
CA LYS A 200 13.26 -1.82 -15.59
C LYS A 200 14.08 -0.56 -15.34
N THR A 201 13.50 0.61 -15.65
CA THR A 201 14.19 1.86 -15.49
CA THR A 201 14.23 1.85 -15.50
C THR A 201 14.56 2.10 -14.03
N THR A 202 13.62 1.78 -13.13
CA THR A 202 13.88 1.95 -11.71
C THR A 202 15.05 1.08 -11.27
N PHE A 203 15.04 -0.20 -11.67
CA PHE A 203 16.11 -1.12 -11.32
C PHE A 203 17.46 -0.60 -11.83
N ASP A 204 17.49 -0.20 -13.10
CA ASP A 204 18.75 0.16 -13.73
C ASP A 204 19.34 1.44 -13.14
N GLU A 205 18.48 2.41 -12.81
CA GLU A 205 18.95 3.66 -12.23
C GLU A 205 19.41 3.45 -10.79
N ALA A 206 18.78 2.52 -10.07
CA ALA A 206 19.26 2.17 -8.75
C ALA A 206 20.62 1.47 -8.82
N MET A 207 20.77 0.52 -9.75
CA MET A 207 22.01 -0.20 -9.88
CA MET A 207 22.01 -0.20 -9.94
C MET A 207 23.19 0.77 -10.03
N ALA A 208 23.01 1.78 -10.86
CA ALA A 208 24.03 2.77 -11.14
C ALA A 208 24.40 3.66 -9.95
N ASP A 209 23.56 3.70 -8.92
CA ASP A 209 23.81 4.53 -7.74
C ASP A 209 24.26 3.74 -6.51
N LEU A 210 24.28 2.41 -6.60
CA LEU A 210 24.68 1.59 -5.46
C LEU A 210 26.08 1.91 -4.94
N HIS A 211 26.97 2.35 -5.84
CA HIS A 211 28.36 2.60 -5.47
C HIS A 211 28.52 3.69 -4.42
N THR A 212 27.48 4.52 -4.25
CA THR A 212 27.50 5.63 -3.31
C THR A 212 27.16 5.24 -1.88
N LEU A 213 26.71 4.00 -1.69
CA LEU A 213 26.08 3.58 -0.46
C LEU A 213 27.00 2.85 0.51
N SER A 214 26.69 2.98 1.80
CA SER A 214 27.26 2.12 2.82
C SER A 214 26.79 0.68 2.65
N GLU A 215 27.44 -0.25 3.36
CA GLU A 215 27.05 -1.64 3.38
C GLU A 215 25.59 -1.81 3.78
N ASP A 216 25.16 -1.11 4.84
CA ASP A 216 23.80 -1.26 5.32
C ASP A 216 22.77 -0.68 4.36
N SER A 217 23.07 0.48 3.74
CA SER A 217 22.16 1.07 2.77
C SER A 217 22.07 0.20 1.52
N TYR A 218 23.22 -0.34 1.11
CA TYR A 218 23.28 -1.26 -0.01
C TYR A 218 22.35 -2.47 0.20
N LYS A 219 22.38 -3.04 1.39
CA LYS A 219 21.51 -4.15 1.72
C LYS A 219 20.04 -3.78 1.56
N ASP A 220 19.66 -2.62 2.11
CA ASP A 220 18.28 -2.16 2.06
C ASP A 220 17.82 -1.97 0.61
N SER A 221 18.63 -1.27 -0.19
CA SER A 221 18.26 -0.98 -1.55
C SER A 221 18.20 -2.23 -2.43
N THR A 222 19.19 -3.12 -2.29
CA THR A 222 19.23 -4.31 -3.13
C THR A 222 18.07 -5.26 -2.82
N LEU A 223 17.58 -5.27 -1.57
CA LEU A 223 16.43 -6.09 -1.23
C LEU A 223 15.23 -5.68 -2.07
N ILE A 224 14.98 -4.37 -2.20
CA ILE A 224 13.82 -3.92 -2.95
C ILE A 224 14.08 -4.07 -4.45
N MET A 225 15.32 -3.86 -4.88
CA MET A 225 15.66 -4.08 -6.27
C MET A 225 15.35 -5.51 -6.69
N GLN A 226 15.57 -6.47 -5.79
CA GLN A 226 15.27 -7.85 -6.10
C GLN A 226 13.77 -8.08 -6.34
N LEU A 227 12.92 -7.34 -5.62
CA LEU A 227 11.49 -7.41 -5.83
C LEU A 227 11.11 -6.91 -7.22
N LEU A 228 11.74 -5.80 -7.66
CA LEU A 228 11.56 -5.33 -9.02
C LEU A 228 11.95 -6.40 -10.03
N ARG A 229 13.11 -7.05 -9.82
CA ARG A 229 13.56 -8.11 -10.69
C ARG A 229 12.59 -9.29 -10.70
N ASP A 230 12.07 -9.62 -9.52
CA ASP A 230 11.13 -10.72 -9.41
C ASP A 230 9.87 -10.46 -10.25
N ASN A 231 9.36 -9.23 -10.19
CA ASN A 231 8.19 -8.88 -10.97
C ASN A 231 8.53 -8.92 -12.47
N LEU A 232 9.68 -8.37 -12.84
CA LEU A 232 10.08 -8.41 -14.25
C LEU A 232 10.17 -9.85 -14.75
N THR A 233 10.70 -10.76 -13.91
CA THR A 233 10.79 -12.16 -14.28
C THR A 233 9.41 -12.78 -14.47
N LEU A 234 8.47 -12.41 -13.60
CA LEU A 234 7.09 -12.89 -13.71
C LEU A 234 6.42 -12.41 -15.00
N TRP A 235 6.75 -11.19 -15.43
CA TRP A 235 6.06 -10.51 -16.51
C TRP A 235 6.67 -10.65 -17.90
N THR A 236 7.89 -11.20 -17.96
CA THR A 236 8.62 -11.37 -19.20
C THR A 236 9.05 -12.83 -19.42
N PHE B 1 0.57 -13.63 -7.41
CA PHE B 1 0.49 -12.18 -7.35
C PHE B 1 1.89 -11.54 -7.37
N PRO B 2 2.04 -10.32 -7.95
CA PRO B 2 3.33 -9.65 -7.96
C PRO B 2 3.66 -9.02 -6.60
N ALA B 3 4.96 -8.73 -6.41
CA ALA B 3 5.45 -8.17 -5.18
C ALA B 3 5.13 -6.69 -5.03
N TPO B 4 4.64 -6.32 -3.84
CA TPO B 4 4.48 -4.93 -3.43
CB TPO B 4 3.02 -4.48 -3.57
CG2 TPO B 4 2.55 -4.48 -5.00
OG1 TPO B 4 2.22 -5.41 -2.77
P TPO B 4 0.68 -5.14 -2.40
O1P TPO B 4 -0.17 -5.47 -3.62
O2P TPO B 4 0.44 -6.07 -1.23
O3P TPO B 4 0.57 -3.68 -2.03
C TPO B 4 4.98 -4.80 -2.00
O TPO B 4 5.09 -5.81 -1.30
N VAL B 5 5.28 -3.57 -1.60
CA VAL B 5 5.75 -3.30 -0.25
C VAL B 5 4.93 -2.23 0.47
MG MG C . 7.33 8.36 -16.49
MG MG D . -0.39 13.78 26.32
C4 A1I02 E . 8.03 2.60 0.85
C14 A1I02 E . 11.94 3.30 5.23
C5 A1I02 E . 7.33 2.25 2.00
C6 A1I02 E . 7.65 1.09 2.71
C11 A1I02 E . 11.60 0.70 4.22
C7 A1I02 E . 6.88 0.74 3.95
C8 A1I02 E . 8.70 0.30 2.24
C9 A1I02 E . 10.32 -1.35 3.21
C10 A1I02 E . 11.45 -0.69 3.72
C12 A1I02 E . 10.53 1.39 4.79
C13 A1I02 E . 10.69 2.67 5.29
N1 A1I02 E . 9.06 -0.90 2.95
N2 A1I02 E . 12.12 4.60 5.75
C3 A1I02 E . 9.06 1.79 0.40
N3 A1I02 E . 12.51 -1.56 3.81
C1 A1I02 E . 10.54 -0.20 0.55
C2 A1I02 E . 9.42 0.64 1.08
O1 A1I02 E . 7.71 3.73 0.15
C15 A1I02 E . 11.20 5.53 6.03
O2 A1I02 E . 10.05 5.48 5.64
C16 A1I02 E . 11.66 6.63 6.98
C17 A1I02 E . 13.01 2.61 4.69
C18 A1I02 E . 12.85 1.32 4.20
C19 A1I02 E . 12.07 -2.72 3.33
C20 A1I02 E . 12.74 -3.95 3.15
C21 A1I02 E . 12.06 -5.01 2.63
C22 A1I02 E . 10.71 -4.88 2.26
C23 A1I02 E . 10.05 -3.70 2.41
N4 A1I02 E . 10.74 -2.64 2.95
CL CL F . -4.35 -1.69 26.29
CA CA G . -26.51 -30.50 -11.00
CA CA H . 5.34 19.42 8.55
CA CA I . -27.88 -21.69 0.33
CA CA J . -19.89 -4.21 -2.74
#